data_8RBB
#
_entry.id   8RBB
#
_cell.length_a   65.083
_cell.length_b   70.989
_cell.length_c   105.940
_cell.angle_alpha   90.000
_cell.angle_beta   90.000
_cell.angle_gamma   90.000
#
_symmetry.space_group_name_H-M   'P 21 21 21'
#
loop_
_entity.id
_entity.type
_entity.pdbx_description
1 polymer 'Cellular tumor antigen p53'
2 non-polymer 2,5-bis(fluoranyl)pyridine-3-carbonitrile
3 non-polymer GLYCEROL
4 non-polymer 1,2-ETHANEDIOL
5 non-polymer '4-(2-HYDROXYETHYL)-1-PIPERAZINE ETHANESULFONIC ACID'
6 non-polymer 'ZINC ION'
7 water water
#
_entity_poly.entity_id   1
_entity_poly.type   'polypeptide(L)'
_entity_poly.pdbx_seq_one_letter_code
;SSSVPSQKTYQGSYGFRLGFLHSGTAKSVTCTYSPALNKLFCQLAKTCPVQLWVDSTPPPGTRVRAMAIYKQSQHMTEVV
RRCPHHERCSDSDGLAPPQHLIRVEGNLRAEYLDDRNTFRHSVVVPCEPPEVGSDCTTIHYNYMCYSSCMGGMNRRPILT
IITLEDSSGNLLGRDSFEVRVCACPGRDRRTEEENLRKKGEPHHELPPGSTKRALPNNT
;
_entity_poly.pdbx_strand_id   A,B
#
loop_
_chem_comp.id
_chem_comp.type
_chem_comp.name
_chem_comp.formula
EDO non-polymer 1,2-ETHANEDIOL 'C2 H6 O2'
EPE non-polymer '4-(2-HYDROXYETHYL)-1-PIPERAZINE ETHANESULFONIC ACID' 'C8 H18 N2 O4 S'
GOL non-polymer GLYCEROL 'C3 H8 O3'
YLW non-polymer 2,5-bis(fluoranyl)pyridine-3-carbonitrile 'C6 H2 F2 N2'
ZN non-polymer 'ZINC ION' 'Zn 2'
#
# COMPACT_ATOMS: atom_id res chain seq x y z
N SER A 3 2.78 -9.56 -10.90
CA SER A 3 1.65 -9.63 -9.99
C SER A 3 2.10 -9.39 -8.56
N VAL A 4 1.31 -8.62 -7.79
CA VAL A 4 1.64 -8.31 -6.41
C VAL A 4 0.43 -8.62 -5.54
N PRO A 5 0.57 -9.46 -4.51
CA PRO A 5 -0.55 -9.69 -3.59
C PRO A 5 -0.88 -8.42 -2.80
N SER A 6 -2.18 -8.20 -2.60
CA SER A 6 -2.64 -7.06 -1.83
C SER A 6 -2.21 -7.19 -0.37
N GLN A 7 -1.90 -6.06 0.25
CA GLN A 7 -1.54 -6.05 1.67
C GLN A 7 -2.52 -5.22 2.47
N LYS A 8 -3.66 -4.86 1.88
CA LYS A 8 -4.61 -3.98 2.54
C LYS A 8 -5.31 -4.72 3.69
N THR A 9 -5.26 -4.12 4.88
CA THR A 9 -5.90 -4.71 6.06
C THR A 9 -7.40 -4.73 5.86
N TYR A 10 -8.02 -5.87 6.19
CA TYR A 10 -9.45 -6.07 5.89
C TYR A 10 -10.00 -7.00 6.96
N GLN A 11 -10.75 -6.45 7.92
CA GLN A 11 -11.31 -7.33 8.95
C GLN A 11 -12.40 -8.24 8.38
N GLY A 12 -13.15 -7.77 7.41
CA GLY A 12 -14.17 -8.61 6.79
C GLY A 12 -15.35 -8.87 7.71
N SER A 13 -16.20 -9.80 7.25
CA SER A 13 -17.45 -10.07 7.96
C SER A 13 -17.24 -10.71 9.33
N TYR A 14 -16.13 -11.43 9.50
CA TYR A 14 -15.86 -12.15 10.74
C TYR A 14 -14.98 -11.36 11.69
N GLY A 15 -14.59 -10.15 11.32
CA GLY A 15 -13.79 -9.32 12.21
C GLY A 15 -12.42 -9.89 12.45
N PHE A 16 -11.77 -10.33 11.38
CA PHE A 16 -10.49 -11.01 11.47
C PHE A 16 -9.34 -10.02 11.72
N ARG A 17 -8.46 -10.38 12.65
CA ARG A 17 -7.24 -9.61 12.90
C ARG A 17 -6.23 -10.51 13.59
N LEU A 18 -4.97 -10.07 13.56
CA LEU A 18 -3.86 -10.74 14.22
C LEU A 18 -3.55 -10.05 15.53
N GLY A 19 -2.84 -10.77 16.39
CA GLY A 19 -2.37 -10.19 17.63
C GLY A 19 -1.10 -10.87 18.05
N PHE A 20 -0.35 -10.17 18.90
CA PHE A 20 0.88 -10.70 19.46
C PHE A 20 0.84 -10.57 20.98
N LEU A 21 1.33 -11.59 21.66
CA LEU A 21 1.54 -11.43 23.09
C LEU A 21 2.77 -10.56 23.38
N HIS A 22 2.96 -10.20 24.63
CA HIS A 22 4.02 -9.27 25.00
C HIS A 22 5.35 -10.01 25.08
N SER A 23 6.42 -9.36 24.62
CA SER A 23 7.78 -9.78 24.91
C SER A 23 8.66 -8.55 24.93
N GLY A 24 9.85 -8.70 25.53
CA GLY A 24 10.79 -7.61 25.65
C GLY A 24 11.95 -7.70 24.68
N SER A 28 18.38 -12.57 24.74
CA SER A 28 17.73 -13.79 25.22
C SER A 28 16.46 -14.15 24.43
N VAL A 29 15.73 -13.14 23.95
CA VAL A 29 14.49 -13.40 23.23
C VAL A 29 14.80 -13.95 21.84
N THR A 30 14.06 -14.96 21.44
CA THR A 30 14.14 -15.45 20.08
C THR A 30 13.15 -14.77 19.15
N CYS A 31 12.17 -14.06 19.69
CA CYS A 31 11.19 -13.39 18.85
C CYS A 31 10.55 -12.28 19.67
N THR A 32 10.31 -11.15 19.03
CA THR A 32 9.70 -10.05 19.73
C THR A 32 9.00 -9.18 18.70
N TYR A 33 7.82 -8.70 19.07
CA TYR A 33 6.96 -7.93 18.20
C TYR A 33 6.92 -6.48 18.68
N SER A 34 7.16 -5.56 17.76
CA SER A 34 7.04 -4.12 18.01
C SER A 34 5.72 -3.58 17.48
N PRO A 35 4.75 -3.23 18.33
CA PRO A 35 3.53 -2.58 17.82
C PRO A 35 3.78 -1.23 17.20
N ALA A 36 4.77 -0.48 17.68
CA ALA A 36 5.04 0.85 17.11
C ALA A 36 5.50 0.75 15.66
N LEU A 37 6.24 -0.29 15.33
CA LEU A 37 6.71 -0.52 13.96
C LEU A 37 5.85 -1.51 13.19
N ASN A 38 4.86 -2.15 13.83
CA ASN A 38 4.14 -3.32 13.31
C ASN A 38 5.13 -4.32 12.69
N LYS A 39 6.09 -4.73 13.51
CA LYS A 39 7.26 -5.44 12.97
C LYS A 39 7.66 -6.55 13.92
N LEU A 40 7.74 -7.78 13.39
CA LEU A 40 8.21 -8.91 14.16
C LEU A 40 9.72 -9.07 13.91
N PHE A 41 10.48 -9.25 14.99
CA PHE A 41 11.91 -9.51 14.93
C PHE A 41 12.10 -10.93 15.45
N CYS A 42 12.75 -11.80 14.66
CA CYS A 42 12.91 -13.15 15.16
C CYS A 42 14.23 -13.75 14.70
N GLN A 43 14.69 -14.78 15.43
CA GLN A 43 15.84 -15.57 15.04
C GLN A 43 15.45 -16.59 13.98
N LEU A 44 16.48 -17.08 13.28
CA LEU A 44 16.30 -18.07 12.24
C LEU A 44 15.70 -19.37 12.81
N ALA A 45 14.57 -19.78 12.22
CA ALA A 45 13.96 -21.10 12.43
C ALA A 45 13.51 -21.29 13.86
N LYS A 46 13.12 -20.21 14.51
CA LYS A 46 12.57 -20.27 15.87
C LYS A 46 11.08 -20.00 15.81
N THR A 47 10.36 -20.53 16.80
CA THR A 47 8.90 -20.42 16.85
C THR A 47 8.45 -18.98 17.00
N CYS A 48 7.57 -18.55 16.12
CA CYS A 48 6.93 -17.22 16.17
C CYS A 48 5.44 -17.43 16.37
N PRO A 49 4.93 -17.31 17.59
CA PRO A 49 3.48 -17.48 17.81
C PRO A 49 2.72 -16.25 17.35
N VAL A 50 1.70 -16.47 16.53
CA VAL A 50 0.86 -15.37 16.07
C VAL A 50 -0.57 -15.72 16.47
N GLN A 51 -1.25 -14.78 17.13
CA GLN A 51 -2.62 -15.01 17.53
C GLN A 51 -3.57 -14.54 16.46
N LEU A 52 -4.66 -15.29 16.27
CA LEU A 52 -5.71 -14.92 15.33
C LEU A 52 -6.98 -14.67 16.10
N TRP A 53 -7.68 -13.60 15.77
CA TRP A 53 -8.94 -13.26 16.40
C TRP A 53 -10.01 -13.14 15.34
N VAL A 54 -11.23 -13.60 15.66
CA VAL A 54 -12.41 -13.25 14.90
C VAL A 54 -13.51 -12.85 15.87
N ASP A 55 -14.39 -11.98 15.42
CA ASP A 55 -15.58 -11.62 16.19
C ASP A 55 -16.65 -12.70 16.12
N SER A 56 -16.69 -13.45 15.02
CA SER A 56 -17.71 -14.44 14.77
C SER A 56 -17.03 -15.64 14.13
N THR A 57 -17.55 -16.81 14.42
CA THR A 57 -16.91 -18.03 13.95
C THR A 57 -17.14 -18.21 12.46
N PRO A 58 -16.08 -18.35 11.66
CA PRO A 58 -16.26 -18.51 10.20
C PRO A 58 -16.69 -19.93 9.87
N PRO A 59 -17.15 -20.19 8.64
CA PRO A 59 -17.69 -21.53 8.29
C PRO A 59 -16.63 -22.63 8.33
N PRO A 60 -17.04 -23.89 8.52
CA PRO A 60 -16.10 -25.02 8.36
C PRO A 60 -15.49 -24.99 6.97
N GLY A 61 -14.18 -25.24 6.90
CA GLY A 61 -13.46 -25.17 5.65
C GLY A 61 -12.73 -23.86 5.46
N THR A 62 -12.96 -22.89 6.33
CA THR A 62 -12.16 -21.66 6.33
C THR A 62 -10.71 -22.00 6.63
N ARG A 63 -9.80 -21.31 5.95
CA ARG A 63 -8.36 -21.55 6.11
C ARG A 63 -7.62 -20.24 6.36
N VAL A 64 -6.37 -20.36 6.82
CA VAL A 64 -5.50 -19.21 7.09
C VAL A 64 -4.20 -19.42 6.33
N ARG A 65 -3.87 -18.48 5.48
CA ARG A 65 -2.69 -18.55 4.63
C ARG A 65 -1.69 -17.47 5.03
N ALA A 66 -0.41 -17.83 5.01
CA ALA A 66 0.69 -16.88 5.20
C ALA A 66 1.52 -16.81 3.93
N MET A 67 1.90 -15.59 3.55
CA MET A 67 2.71 -15.34 2.36
C MET A 67 3.65 -14.18 2.65
N ALA A 68 4.90 -14.29 2.21
CA ALA A 68 5.85 -13.18 2.33
C ALA A 68 5.91 -12.42 1.02
N ILE A 69 6.01 -11.08 1.10
CA ILE A 69 6.31 -10.25 -0.05
C ILE A 69 7.38 -9.24 0.39
N TYR A 70 8.15 -8.74 -0.58
CA TYR A 70 9.06 -7.63 -0.26
C TYR A 70 8.26 -6.35 0.01
N LYS A 71 8.71 -5.61 1.01
CA LYS A 71 8.01 -4.40 1.44
C LYS A 71 8.25 -3.24 0.48
N GLN A 72 9.46 -3.13 -0.07
CA GLN A 72 9.79 -1.99 -0.92
C GLN A 72 9.18 -2.19 -2.30
N SER A 73 8.63 -1.10 -2.86
CA SER A 73 7.86 -1.20 -4.09
C SER A 73 8.71 -1.68 -5.26
N GLN A 74 10.00 -1.33 -5.27
CA GLN A 74 10.87 -1.76 -6.36
C GLN A 74 11.24 -3.23 -6.31
N HIS A 75 10.89 -3.94 -5.25
CA HIS A 75 11.13 -5.37 -5.18
C HIS A 75 9.86 -6.19 -5.08
N MET A 76 8.68 -5.55 -5.17
CA MET A 76 7.44 -6.24 -4.81
C MET A 76 7.07 -7.37 -5.76
N THR A 77 7.51 -7.30 -7.03
CA THR A 77 7.22 -8.38 -7.97
C THR A 77 8.16 -9.56 -7.83
N GLU A 78 9.21 -9.45 -7.01
CA GLU A 78 10.14 -10.56 -6.84
C GLU A 78 9.59 -11.54 -5.81
N VAL A 79 9.59 -12.83 -6.15
CA VAL A 79 9.12 -13.86 -5.22
C VAL A 79 10.09 -13.98 -4.06
N VAL A 80 9.55 -13.96 -2.84
CA VAL A 80 10.37 -14.17 -1.65
C VAL A 80 10.62 -15.66 -1.51
N ARG A 81 11.89 -16.05 -1.45
CA ARG A 81 12.22 -17.46 -1.35
C ARG A 81 13.47 -17.59 -0.50
N ARG A 82 13.72 -18.81 -0.02
CA ARG A 82 14.97 -19.08 0.67
C ARG A 82 16.16 -18.88 -0.27
N CYS A 83 17.28 -18.46 0.33
CA CYS A 83 18.51 -18.21 -0.39
C CYS A 83 19.13 -19.52 -0.90
N PRO A 84 20.09 -19.44 -1.85
CA PRO A 84 20.71 -20.68 -2.38
C PRO A 84 21.41 -21.54 -1.33
N HIS A 85 21.84 -20.94 -0.22
CA HIS A 85 22.47 -21.72 0.85
C HIS A 85 21.41 -22.48 1.64
N HIS A 86 20.43 -21.77 2.16
CA HIS A 86 19.50 -22.41 3.09
C HIS A 86 18.55 -23.37 2.38
N GLU A 87 18.27 -23.16 1.09
CA GLU A 87 17.40 -24.12 0.41
C GLU A 87 18.06 -25.48 0.27
N ARG A 88 19.38 -25.55 0.39
CA ARG A 88 20.11 -26.80 0.33
C ARG A 88 20.38 -27.40 1.70
N CYS A 89 19.86 -26.78 2.77
CA CYS A 89 19.96 -27.40 4.09
C CYS A 89 19.15 -28.68 4.14
N SER A 90 19.65 -29.66 4.89
CA SER A 90 18.85 -30.84 5.18
C SER A 90 18.04 -30.57 6.45
N ASP A 91 17.03 -29.71 6.29
CA ASP A 91 16.22 -29.31 7.43
C ASP A 91 14.72 -29.50 7.15
N SER A 92 14.38 -30.43 6.27
CA SER A 92 12.98 -30.67 5.94
C SER A 92 12.25 -31.20 7.17
N ASP A 93 11.02 -30.74 7.36
CA ASP A 93 10.16 -31.31 8.37
C ASP A 93 9.28 -32.42 7.81
N GLY A 94 9.54 -32.84 6.58
CA GLY A 94 8.70 -33.79 5.88
C GLY A 94 7.57 -33.17 5.09
N LEU A 95 7.28 -31.89 5.31
CA LEU A 95 6.13 -31.27 4.67
C LEU A 95 6.49 -30.00 3.91
N ALA A 96 7.32 -29.13 4.48
CA ALA A 96 7.66 -27.90 3.81
C ALA A 96 8.67 -28.15 2.68
N PRO A 97 8.38 -27.69 1.47
CA PRO A 97 9.39 -27.74 0.42
C PRO A 97 10.58 -26.88 0.79
N PRO A 98 11.78 -27.26 0.38
CA PRO A 98 12.99 -26.59 0.88
C PRO A 98 13.11 -25.13 0.46
N GLN A 99 12.36 -24.68 -0.56
CA GLN A 99 12.48 -23.30 -1.02
C GLN A 99 11.64 -22.33 -0.21
N HIS A 100 10.73 -22.81 0.64
CA HIS A 100 9.77 -21.91 1.28
C HIS A 100 10.38 -21.24 2.49
N LEU A 101 10.24 -19.91 2.54
CA LEU A 101 10.73 -19.14 3.67
C LEU A 101 9.92 -19.39 4.92
N ILE A 102 8.58 -19.40 4.79
CA ILE A 102 7.71 -19.50 5.96
C ILE A 102 7.22 -20.94 6.09
N ARG A 103 7.37 -21.52 7.28
CA ARG A 103 6.80 -22.80 7.64
C ARG A 103 5.81 -22.60 8.77
N VAL A 104 4.84 -23.53 8.86
CA VAL A 104 4.03 -23.70 10.06
C VAL A 104 4.59 -24.87 10.84
N GLU A 105 4.80 -24.70 12.14
CA GLU A 105 5.21 -25.89 12.87
C GLU A 105 4.07 -26.39 13.74
N GLY A 106 4.15 -27.69 14.05
CA GLY A 106 3.16 -28.30 14.91
C GLY A 106 1.76 -28.33 14.34
N ASN A 107 1.61 -28.44 13.02
CA ASN A 107 0.28 -28.62 12.42
C ASN A 107 0.40 -29.60 11.25
N LEU A 108 -0.09 -30.82 11.44
CA LEU A 108 0.03 -31.83 10.39
C LEU A 108 -0.87 -31.55 9.19
N ARG A 109 -1.79 -30.59 9.29
CA ARG A 109 -2.67 -30.25 8.18
C ARG A 109 -2.16 -29.05 7.39
N ALA A 110 -0.93 -28.61 7.65
CA ALA A 110 -0.38 -27.52 6.85
C ALA A 110 -0.18 -27.98 5.42
N GLU A 111 -0.53 -27.12 4.48
CA GLU A 111 -0.31 -27.38 3.06
C GLU A 111 0.55 -26.26 2.50
N TYR A 112 1.49 -26.61 1.64
CA TYR A 112 2.38 -25.63 1.04
C TYR A 112 2.08 -25.50 -0.45
N LEU A 113 1.89 -24.25 -0.91
CA LEU A 113 1.52 -23.97 -2.29
C LEU A 113 2.66 -23.27 -3.01
N ASP A 114 3.02 -23.81 -4.20
CA ASP A 114 3.77 -23.06 -5.21
C ASP A 114 2.78 -22.67 -6.28
N ASP A 115 2.45 -21.38 -6.37
CA ASP A 115 1.37 -20.92 -7.23
C ASP A 115 1.76 -21.13 -8.69
N ARG A 116 0.90 -21.81 -9.45
CA ARG A 116 1.25 -22.17 -10.83
C ARG A 116 1.32 -20.97 -11.74
N ASN A 117 0.67 -19.86 -11.39
CA ASN A 117 0.70 -18.66 -12.20
C ASN A 117 1.69 -17.62 -11.69
N THR A 118 1.66 -17.31 -10.40
CA THR A 118 2.46 -16.22 -9.88
C THR A 118 3.81 -16.66 -9.33
N PHE A 119 3.97 -17.96 -9.08
CA PHE A 119 5.18 -18.63 -8.58
C PHE A 119 5.41 -18.29 -7.12
N ARG A 120 4.46 -17.65 -6.46
CA ARG A 120 4.64 -17.31 -5.05
C ARG A 120 4.38 -18.52 -4.16
N HIS A 121 5.06 -18.51 -3.02
CA HIS A 121 4.97 -19.57 -2.03
C HIS A 121 4.02 -19.15 -0.92
N SER A 122 3.30 -20.11 -0.36
CA SER A 122 2.48 -19.80 0.80
C SER A 122 2.23 -21.08 1.55
N VAL A 123 1.83 -20.92 2.81
CA VAL A 123 1.54 -22.06 3.66
C VAL A 123 0.18 -21.80 4.30
N VAL A 124 -0.68 -22.81 4.27
CA VAL A 124 -2.08 -22.62 4.65
C VAL A 124 -2.49 -23.75 5.60
N VAL A 125 -3.27 -23.40 6.64
CA VAL A 125 -3.79 -24.40 7.57
C VAL A 125 -5.29 -24.18 7.73
N PRO A 126 -6.03 -25.23 8.11
CA PRO A 126 -7.47 -25.02 8.40
C PRO A 126 -7.64 -24.14 9.60
N CYS A 127 -8.64 -23.26 9.54
CA CYS A 127 -8.90 -22.40 10.68
C CYS A 127 -9.78 -23.19 11.63
N GLU A 128 -9.40 -23.21 12.90
CA GLU A 128 -10.13 -23.93 13.92
C GLU A 128 -10.61 -22.96 15.00
N PRO A 129 -11.75 -23.23 15.62
CA PRO A 129 -12.22 -22.40 16.76
C PRO A 129 -11.23 -22.44 17.92
N PRO A 130 -11.20 -21.40 18.77
CA PRO A 130 -10.32 -21.43 19.96
C PRO A 130 -10.67 -22.55 20.92
N GLU A 131 -9.76 -22.77 21.88
CA GLU A 131 -9.91 -23.78 22.93
C GLU A 131 -11.17 -23.57 23.80
N SER A 134 -10.47 -20.86 25.38
CA SER A 134 -9.74 -19.61 25.20
C SER A 134 -10.47 -18.67 24.23
N ASP A 135 -9.96 -17.45 24.11
CA ASP A 135 -10.53 -16.46 23.21
C ASP A 135 -9.74 -16.29 21.92
N CYS A 136 -8.58 -16.94 21.79
CA CYS A 136 -7.69 -16.76 20.63
C CYS A 136 -7.23 -18.10 20.07
N THR A 137 -6.95 -18.08 18.78
CA THR A 137 -6.27 -19.17 18.10
C THR A 137 -4.82 -18.78 17.89
N THR A 138 -3.89 -19.71 18.09
CA THR A 138 -2.48 -19.44 17.83
C THR A 138 -1.95 -20.30 16.70
N ILE A 139 -1.19 -19.70 15.78
N ILE A 139 -1.16 -19.71 15.81
CA ILE A 139 -0.41 -20.43 14.78
CA ILE A 139 -0.43 -20.44 14.80
C ILE A 139 1.06 -20.17 15.05
C ILE A 139 1.06 -20.15 15.01
N HIS A 140 1.89 -21.19 14.89
CA HIS A 140 3.33 -21.07 15.10
C HIS A 140 4.05 -21.06 13.77
N TYR A 141 4.66 -19.91 13.43
CA TYR A 141 5.39 -19.80 12.18
C TYR A 141 6.90 -19.90 12.44
N ASN A 142 7.64 -20.36 11.41
CA ASN A 142 9.09 -20.30 11.40
C ASN A 142 9.55 -19.61 10.13
N TYR A 143 10.61 -18.82 10.25
CA TYR A 143 11.21 -18.14 9.11
C TYR A 143 12.58 -18.76 8.88
N MET A 144 12.80 -19.29 7.67
CA MET A 144 13.89 -20.24 7.44
C MET A 144 15.10 -19.62 6.73
N CYS A 145 15.18 -18.30 6.71
CA CYS A 145 16.29 -17.54 6.14
C CYS A 145 16.46 -16.27 6.93
N TYR A 146 17.70 -15.77 7.02
CA TYR A 146 17.92 -14.44 7.57
C TYR A 146 17.54 -13.39 6.55
N SER A 147 17.11 -12.23 7.06
CA SER A 147 16.88 -11.08 6.18
C SER A 147 18.12 -10.71 5.40
N SER A 148 19.29 -10.95 5.96
CA SER A 148 20.54 -10.55 5.33
C SER A 148 21.08 -11.56 4.34
N CYS A 149 20.42 -12.71 4.11
CA CYS A 149 20.98 -13.76 3.25
C CYS A 149 21.18 -13.28 1.81
N MET A 150 22.40 -13.35 1.32
CA MET A 150 22.65 -12.92 -0.04
C MET A 150 22.14 -13.98 -1.00
N GLY A 151 21.59 -13.51 -2.13
CA GLY A 151 20.92 -14.38 -3.06
C GLY A 151 19.52 -14.74 -2.64
N GLY A 152 19.08 -14.34 -1.45
CA GLY A 152 17.70 -14.42 -1.03
C GLY A 152 17.21 -13.03 -0.70
N MET A 153 16.83 -12.80 0.56
CA MET A 153 16.24 -11.50 0.91
C MET A 153 17.24 -10.36 0.79
N ASN A 154 18.53 -10.64 1.01
CA ASN A 154 19.62 -9.70 0.71
C ASN A 154 19.41 -8.33 1.37
N ARG A 155 19.07 -8.37 2.66
CA ARG A 155 18.82 -7.23 3.55
C ARG A 155 17.55 -6.46 3.20
N ARG A 156 16.71 -6.97 2.30
CA ARG A 156 15.48 -6.26 1.99
C ARG A 156 14.38 -6.62 2.99
N PRO A 157 13.64 -5.61 3.46
CA PRO A 157 12.53 -5.91 4.38
C PRO A 157 11.40 -6.67 3.69
N ILE A 158 10.72 -7.50 4.46
CA ILE A 158 9.56 -8.24 3.95
C ILE A 158 8.37 -8.00 4.85
N LEU A 159 7.18 -8.20 4.26
CA LEU A 159 5.92 -8.30 5.00
C LEU A 159 5.45 -9.73 4.96
N THR A 160 4.87 -10.21 6.05
CA THR A 160 4.04 -11.41 6.05
C THR A 160 2.61 -10.96 5.94
N ILE A 161 1.89 -11.51 4.97
CA ILE A 161 0.47 -11.24 4.79
C ILE A 161 -0.28 -12.48 5.24
N ILE A 162 -1.22 -12.30 6.17
CA ILE A 162 -2.02 -13.39 6.71
C ILE A 162 -3.41 -13.19 6.19
N THR A 163 -3.93 -14.15 5.43
N THR A 163 -3.95 -14.20 5.53
CA THR A 163 -5.26 -14.04 4.85
CA THR A 163 -5.23 -14.09 4.86
C THR A 163 -6.15 -15.13 5.42
C THR A 163 -6.17 -15.16 5.38
N LEU A 164 -7.37 -14.74 5.79
CA LEU A 164 -8.42 -15.67 6.12
C LEU A 164 -9.19 -15.92 4.83
N GLU A 165 -9.39 -17.20 4.48
CA GLU A 165 -9.91 -17.56 3.16
C GLU A 165 -11.02 -18.58 3.30
N ASP A 166 -11.95 -18.58 2.35
CA ASP A 166 -12.93 -19.66 2.34
C ASP A 166 -12.33 -20.90 1.68
N SER A 167 -13.15 -21.92 1.49
CA SER A 167 -12.61 -23.19 1.00
C SER A 167 -12.19 -23.12 -0.46
N SER A 168 -12.64 -22.11 -1.22
CA SER A 168 -12.18 -21.86 -2.59
C SER A 168 -10.94 -20.99 -2.65
N GLY A 169 -10.52 -20.41 -1.54
CA GLY A 169 -9.44 -19.44 -1.57
C GLY A 169 -9.87 -18.00 -1.68
N ASN A 170 -11.17 -17.73 -1.67
CA ASN A 170 -11.65 -16.35 -1.74
C ASN A 170 -11.36 -15.62 -0.44
N LEU A 171 -11.10 -14.32 -0.55
CA LEU A 171 -10.67 -13.52 0.59
C LEU A 171 -11.81 -13.32 1.59
N LEU A 172 -11.57 -13.64 2.86
CA LEU A 172 -12.48 -13.25 3.94
C LEU A 172 -11.91 -12.18 4.85
N GLY A 173 -10.60 -12.13 5.01
CA GLY A 173 -9.98 -11.16 5.89
C GLY A 173 -8.49 -11.14 5.65
N ARG A 174 -7.86 -10.02 6.01
CA ARG A 174 -6.43 -9.90 5.78
C ARG A 174 -5.80 -9.01 6.84
N ASP A 175 -4.60 -9.35 7.25
CA ASP A 175 -3.80 -8.51 8.14
C ASP A 175 -2.34 -8.79 7.78
N SER A 176 -1.42 -8.01 8.34
CA SER A 176 -0.03 -8.16 7.92
C SER A 176 0.90 -7.55 8.97
N PHE A 177 2.19 -7.91 8.86
CA PHE A 177 3.22 -7.34 9.70
C PHE A 177 4.55 -7.47 8.99
N GLU A 178 5.45 -6.52 9.25
CA GLU A 178 6.80 -6.60 8.74
C GLU A 178 7.61 -7.61 9.57
N VAL A 179 8.61 -8.24 8.93
CA VAL A 179 9.45 -9.22 9.61
C VAL A 179 10.91 -8.88 9.36
N ARG A 180 11.72 -8.97 10.42
CA ARG A 180 13.16 -9.00 10.28
C ARG A 180 13.65 -10.30 10.90
N VAL A 181 14.33 -11.13 10.13
CA VAL A 181 14.92 -12.34 10.67
C VAL A 181 16.39 -12.06 10.89
N CYS A 182 16.82 -12.15 12.14
CA CYS A 182 18.13 -11.65 12.53
C CYS A 182 18.65 -12.41 13.74
N ALA A 183 19.96 -12.29 13.99
CA ALA A 183 20.60 -12.99 15.12
C ALA A 183 20.22 -12.39 16.48
N CYS A 184 19.94 -11.09 16.54
CA CYS A 184 19.70 -10.41 17.82
C CYS A 184 18.40 -9.62 17.79
N PRO A 185 17.25 -10.32 17.82
CA PRO A 185 15.94 -9.63 17.66
C PRO A 185 15.64 -8.55 18.70
N GLY A 186 15.98 -8.79 19.97
CA GLY A 186 15.71 -7.79 20.99
C GLY A 186 16.52 -6.50 20.80
N ARG A 187 17.79 -6.64 20.43
CA ARG A 187 18.63 -5.46 20.19
C ARG A 187 18.16 -4.70 18.96
N ASP A 188 17.83 -5.44 17.90
CA ASP A 188 17.43 -4.79 16.65
C ASP A 188 16.10 -4.06 16.81
N ARG A 189 15.18 -4.64 17.60
CA ARG A 189 13.92 -3.97 17.91
C ARG A 189 14.17 -2.65 18.63
N ARG A 190 15.04 -2.67 19.65
CA ARG A 190 15.33 -1.47 20.41
C ARG A 190 15.97 -0.41 19.54
N THR A 191 16.87 -0.82 18.63
CA THR A 191 17.52 0.12 17.71
C THR A 191 16.51 0.76 16.75
N GLU A 192 15.60 -0.04 16.17
CA GLU A 192 14.66 0.52 15.21
C GLU A 192 13.59 1.35 15.90
N GLU A 193 13.20 1.02 17.14
CA GLU A 193 12.25 1.86 17.86
C GLU A 193 12.88 3.17 18.29
N GLU A 194 14.18 3.14 18.59
CA GLU A 194 14.88 4.39 18.89
C GLU A 194 14.99 5.29 17.67
N ASN A 195 15.23 4.70 16.48
CA ASN A 195 15.26 5.48 15.24
C ASN A 195 13.91 6.13 14.96
N LEU A 196 12.81 5.38 15.19
CA LEU A 196 11.47 5.95 15.02
C LEU A 196 11.22 7.07 16.01
N ARG A 197 11.75 6.96 17.23
CA ARG A 197 11.64 8.03 18.21
C ARG A 197 12.39 9.27 17.74
N LYS A 198 13.64 9.10 17.28
CA LYS A 198 14.44 10.22 16.79
C LYS A 198 14.28 10.43 15.29
N SER B 1 1.15 17.98 -27.56
CA SER B 1 0.36 17.46 -28.67
C SER B 1 -0.85 16.65 -28.19
N SER B 2 -1.40 17.01 -27.03
CA SER B 2 -2.60 16.38 -26.51
C SER B 2 -3.63 17.43 -26.12
N SER B 3 -4.92 17.08 -26.31
CA SER B 3 -6.04 17.92 -25.91
C SER B 3 -6.02 18.22 -24.42
N VAL B 4 -6.41 19.44 -24.06
CA VAL B 4 -6.24 19.93 -22.69
C VAL B 4 -7.54 19.70 -21.91
N PRO B 5 -7.52 18.91 -20.85
CA PRO B 5 -8.72 18.74 -20.02
C PRO B 5 -9.07 20.03 -19.30
N SER B 6 -10.35 20.26 -19.11
CA SER B 6 -10.77 21.43 -18.34
C SER B 6 -10.33 21.28 -16.89
N GLN B 7 -9.94 22.40 -16.27
CA GLN B 7 -9.57 22.41 -14.86
C GLN B 7 -10.52 23.25 -14.03
N LYS B 8 -11.60 23.76 -14.64
CA LYS B 8 -12.48 24.69 -13.93
C LYS B 8 -13.24 23.95 -12.83
N THR B 9 -13.23 24.53 -11.63
CA THR B 9 -13.94 23.94 -10.50
C THR B 9 -15.43 23.93 -10.81
N TYR B 10 -16.06 22.81 -10.52
CA TYR B 10 -17.46 22.62 -10.90
C TYR B 10 -18.10 21.72 -9.85
N GLN B 11 -18.91 22.29 -8.96
CA GLN B 11 -19.52 21.48 -7.88
C GLN B 11 -20.59 20.53 -8.43
N GLY B 12 -21.33 20.95 -9.45
CA GLY B 12 -22.29 20.08 -10.09
C GLY B 12 -23.52 19.87 -9.22
N SER B 13 -24.36 18.93 -9.67
CA SER B 13 -25.63 18.71 -9.00
C SER B 13 -25.48 18.10 -7.61
N TYR B 14 -24.38 17.40 -7.35
CA TYR B 14 -24.18 16.74 -6.07
C TYR B 14 -23.34 17.54 -5.09
N GLY B 15 -22.94 18.76 -5.45
CA GLY B 15 -22.15 19.58 -4.54
C GLY B 15 -20.79 18.99 -4.24
N PHE B 16 -20.11 18.52 -5.28
CA PHE B 16 -18.83 17.82 -5.13
C PHE B 16 -17.68 18.80 -4.89
N ARG B 17 -16.82 18.47 -3.92
N ARG B 17 -16.80 18.46 -3.94
CA ARG B 17 -15.64 19.25 -3.62
CA ARG B 17 -15.61 19.25 -3.63
C ARG B 17 -14.66 18.34 -2.90
C ARG B 17 -14.58 18.35 -2.95
N LEU B 18 -13.39 18.70 -2.95
N LEU B 18 -13.32 18.78 -2.98
CA LEU B 18 -12.40 17.94 -2.20
CA LEU B 18 -12.27 18.10 -2.23
C LEU B 18 -11.92 18.76 -1.00
C LEU B 18 -12.03 18.78 -0.91
N GLY B 19 -11.33 18.07 -0.03
CA GLY B 19 -10.82 18.70 1.17
C GLY B 19 -9.61 17.94 1.67
N PHE B 20 -8.87 18.58 2.56
CA PHE B 20 -7.70 17.96 3.19
C PHE B 20 -7.80 18.11 4.70
N LEU B 21 -7.35 17.09 5.42
CA LEU B 21 -7.21 17.22 6.86
C LEU B 21 -5.98 18.06 7.18
N HIS B 22 -5.97 18.64 8.38
CA HIS B 22 -4.88 19.51 8.80
C HIS B 22 -3.60 18.68 8.95
N SER B 23 -2.51 19.22 8.42
CA SER B 23 -1.18 18.64 8.55
C SER B 23 -0.21 19.77 8.88
N GLY B 24 0.95 19.40 9.44
CA GLY B 24 1.96 20.37 9.80
C GLY B 24 3.09 20.46 8.79
N THR B 25 4.13 21.20 9.18
CA THR B 25 5.32 21.42 8.34
C THR B 25 6.58 20.81 8.96
N ALA B 26 6.42 19.77 9.79
CA ALA B 26 7.54 19.17 10.50
C ALA B 26 8.41 18.33 9.56
N LYS B 27 9.54 17.85 10.10
CA LYS B 27 10.48 17.04 9.32
C LYS B 27 9.92 15.65 9.03
N SER B 28 9.05 15.13 9.92
CA SER B 28 8.44 13.82 9.76
C SER B 28 7.33 13.79 8.73
N VAL B 29 6.93 14.95 8.21
CA VAL B 29 5.76 15.04 7.34
C VAL B 29 6.08 14.44 5.97
N THR B 30 5.28 13.46 5.55
CA THR B 30 5.34 12.90 4.22
C THR B 30 4.35 13.55 3.26
N CYS B 31 3.40 14.33 3.79
CA CYS B 31 2.30 14.84 2.98
C CYS B 31 1.68 16.00 3.73
N THR B 32 1.63 17.18 3.12
CA THR B 32 1.07 18.35 3.81
C THR B 32 0.45 19.27 2.78
N TYR B 33 -0.73 19.78 3.10
CA TYR B 33 -1.52 20.58 2.18
C TYR B 33 -1.53 22.04 2.63
N SER B 34 -1.27 22.94 1.69
CA SER B 34 -1.31 24.38 1.94
C SER B 34 -2.60 24.97 1.39
N PRO B 35 -3.59 25.32 2.23
CA PRO B 35 -4.78 26.01 1.71
C PRO B 35 -4.45 27.35 1.07
N ALA B 36 -3.43 28.05 1.58
CA ALA B 36 -3.12 29.36 1.04
C ALA B 36 -2.62 29.26 -0.39
N LEU B 37 -1.91 28.18 -0.71
CA LEU B 37 -1.42 27.97 -2.06
C LEU B 37 -2.28 27.03 -2.88
N ASN B 38 -3.33 26.43 -2.27
CA ASN B 38 -4.05 25.26 -2.85
C ASN B 38 -3.05 24.24 -3.41
N LYS B 39 -2.11 23.82 -2.57
CA LYS B 39 -0.99 23.06 -3.10
C LYS B 39 -0.65 21.94 -2.12
N LEU B 40 -0.57 20.73 -2.62
CA LEU B 40 -0.17 19.58 -1.82
C LEU B 40 1.33 19.38 -2.00
N PHE B 41 2.04 19.19 -0.88
CA PHE B 41 3.45 18.88 -0.87
C PHE B 41 3.60 17.46 -0.36
N CYS B 42 4.27 16.60 -1.13
CA CYS B 42 4.35 15.22 -0.67
C CYS B 42 5.67 14.60 -1.06
N GLN B 43 6.08 13.59 -0.31
CA GLN B 43 7.23 12.78 -0.69
C GLN B 43 6.84 11.77 -1.77
N LEU B 44 7.87 11.26 -2.45
CA LEU B 44 7.67 10.26 -3.50
C LEU B 44 7.09 8.98 -2.92
N ALA B 45 6.01 8.51 -3.54
CA ALA B 45 5.36 7.23 -3.30
C ALA B 45 4.78 7.12 -1.90
N LYS B 46 4.55 8.23 -1.22
CA LYS B 46 3.97 8.18 0.11
C LYS B 46 2.47 8.44 0.01
N THR B 47 1.74 7.96 1.02
CA THR B 47 0.28 8.05 1.02
C THR B 47 -0.16 9.50 1.10
N CYS B 48 -1.04 9.92 0.17
CA CYS B 48 -1.63 11.26 0.15
C CYS B 48 -3.13 11.13 0.33
N PRO B 49 -3.66 11.36 1.53
CA PRO B 49 -5.11 11.22 1.74
C PRO B 49 -5.83 12.46 1.24
N VAL B 50 -6.82 12.26 0.37
CA VAL B 50 -7.67 13.32 -0.16
C VAL B 50 -9.11 13.00 0.24
N GLN B 51 -9.79 13.98 0.84
N GLN B 51 -9.79 13.98 0.82
CA GLN B 51 -11.17 13.80 1.24
CA GLN B 51 -11.18 13.83 1.25
C GLN B 51 -12.09 14.26 0.12
C GLN B 51 -12.11 14.28 0.13
N LEU B 52 -13.19 13.54 -0.06
CA LEU B 52 -14.19 13.88 -1.06
C LEU B 52 -15.50 14.16 -0.34
N TRP B 53 -16.15 15.25 -0.70
CA TRP B 53 -17.43 15.64 -0.13
C TRP B 53 -18.48 15.75 -1.23
N VAL B 54 -19.74 15.39 -0.90
CA VAL B 54 -20.88 15.70 -1.74
C VAL B 54 -22.02 16.17 -0.84
N ASP B 55 -22.83 17.09 -1.39
CA ASP B 55 -24.04 17.50 -0.67
C ASP B 55 -25.14 16.47 -0.76
N SER B 56 -25.19 15.71 -1.86
CA SER B 56 -26.19 14.70 -2.12
C SER B 56 -25.48 13.43 -2.56
N THR B 57 -25.98 12.27 -2.14
CA THR B 57 -25.36 11.00 -2.53
C THR B 57 -25.54 10.74 -4.01
N PRO B 58 -24.46 10.56 -4.77
CA PRO B 58 -24.56 10.28 -6.21
C PRO B 58 -25.01 8.84 -6.47
N PRO B 59 -25.43 8.50 -7.69
CA PRO B 59 -25.97 7.15 -7.96
C PRO B 59 -24.92 6.07 -7.83
N PRO B 60 -25.32 4.80 -7.59
CA PRO B 60 -24.38 3.68 -7.72
C PRO B 60 -23.76 3.66 -9.10
N GLY B 61 -22.45 3.43 -9.14
CA GLY B 61 -21.71 3.45 -10.39
C GLY B 61 -20.96 4.75 -10.65
N THR B 62 -21.20 5.78 -9.83
CA THR B 62 -20.42 7.00 -9.88
C THR B 62 -18.96 6.68 -9.56
N ARG B 63 -18.04 7.33 -10.27
CA ARG B 63 -16.61 7.10 -10.11
C ARG B 63 -15.88 8.41 -9.86
N VAL B 64 -14.64 8.31 -9.36
CA VAL B 64 -13.75 9.44 -9.14
C VAL B 64 -12.47 9.19 -9.89
N ARG B 65 -12.07 10.14 -10.72
CA ARG B 65 -10.89 10.02 -11.55
C ARG B 65 -9.87 11.08 -11.16
N ALA B 66 -8.58 10.72 -11.18
CA ALA B 66 -7.52 11.67 -10.96
C ALA B 66 -6.63 11.73 -12.19
N MET B 67 -6.23 12.94 -12.58
CA MET B 67 -5.39 13.15 -13.74
C MET B 67 -4.47 14.30 -13.42
N ALA B 68 -3.21 14.21 -13.85
CA ALA B 68 -2.29 15.34 -13.70
C ALA B 68 -2.15 16.08 -15.03
N ILE B 69 -2.09 17.42 -14.97
CA ILE B 69 -1.74 18.24 -16.12
C ILE B 69 -0.66 19.23 -15.67
N TYR B 70 0.12 19.72 -16.63
CA TYR B 70 1.03 20.82 -16.30
C TYR B 70 0.23 22.10 -16.08
N LYS B 71 0.64 22.86 -15.07
CA LYS B 71 -0.08 24.07 -14.66
C LYS B 71 0.19 25.25 -15.61
N GLN B 72 1.39 25.36 -16.17
CA GLN B 72 1.75 26.51 -17.00
C GLN B 72 1.22 26.32 -18.40
N SER B 73 0.77 27.41 -19.02
CA SER B 73 0.15 27.32 -20.35
C SER B 73 1.13 26.78 -21.39
N GLN B 74 2.43 27.07 -21.22
CA GLN B 74 3.43 26.61 -22.17
C GLN B 74 3.57 25.09 -22.17
N HIS B 75 3.16 24.42 -21.10
CA HIS B 75 3.36 22.99 -21.03
C HIS B 75 2.06 22.20 -20.95
N MET B 76 0.91 22.88 -21.00
CA MET B 76 -0.36 22.22 -20.71
C MET B 76 -0.71 21.14 -21.73
N THR B 77 -0.24 21.27 -22.97
CA THR B 77 -0.55 20.26 -23.97
C THR B 77 0.34 19.02 -23.86
N GLU B 78 1.36 19.03 -22.99
CA GLU B 78 2.24 17.89 -22.83
C GLU B 78 1.66 16.92 -21.81
N VAL B 79 1.66 15.63 -22.15
CA VAL B 79 1.18 14.61 -21.22
C VAL B 79 2.13 14.51 -20.05
N VAL B 80 1.58 14.52 -18.83
CA VAL B 80 2.36 14.32 -17.61
C VAL B 80 2.59 12.83 -17.46
N ARG B 81 3.86 12.42 -17.40
CA ARG B 81 4.16 11.02 -17.28
C ARG B 81 5.39 10.87 -16.38
N ARG B 82 5.64 9.64 -15.92
CA ARG B 82 6.87 9.42 -15.18
C ARG B 82 8.09 9.60 -16.07
N CYS B 83 9.20 9.96 -15.42
CA CYS B 83 10.48 10.22 -16.09
C CYS B 83 11.07 8.91 -16.62
N PRO B 84 12.07 8.99 -17.54
CA PRO B 84 12.68 7.75 -18.08
C PRO B 84 13.37 6.86 -17.04
N HIS B 85 13.82 7.44 -15.92
N HIS B 85 13.82 7.44 -15.92
CA HIS B 85 14.38 6.63 -14.84
CA HIS B 85 14.38 6.63 -14.84
C HIS B 85 13.28 5.87 -14.11
C HIS B 85 13.29 5.86 -14.10
N HIS B 86 12.29 6.58 -13.58
CA HIS B 86 11.31 5.94 -12.71
C HIS B 86 10.40 4.96 -13.45
N GLU B 87 10.13 5.18 -14.74
CA GLU B 87 9.27 4.22 -15.44
C GLU B 87 9.92 2.85 -15.61
N ARG B 88 11.24 2.77 -15.44
CA ARG B 88 11.97 1.51 -15.48
C ARG B 88 12.28 0.97 -14.09
N CYS B 89 11.63 1.48 -13.05
CA CYS B 89 11.93 1.02 -11.69
C CYS B 89 11.39 -0.37 -11.33
N SER B 90 10.50 -0.96 -12.13
CA SER B 90 9.82 -2.23 -11.76
C SER B 90 9.18 -2.14 -10.38
N ASP B 91 8.52 -1.01 -10.13
CA ASP B 91 7.89 -0.75 -8.85
C ASP B 91 6.36 -0.75 -8.93
N SER B 92 5.80 -1.41 -9.93
CA SER B 92 4.35 -1.45 -10.06
C SER B 92 3.75 -2.23 -8.90
N ASP B 93 2.53 -1.86 -8.52
CA ASP B 93 1.79 -2.51 -7.46
C ASP B 93 0.93 -3.67 -7.97
N GLY B 94 1.11 -4.07 -9.22
CA GLY B 94 0.28 -5.06 -9.85
C GLY B 94 -0.84 -4.49 -10.72
N LEU B 95 -1.19 -3.21 -10.54
CA LEU B 95 -2.26 -2.61 -11.32
C LEU B 95 -1.80 -1.39 -12.11
N ALA B 96 -1.01 -0.51 -11.51
CA ALA B 96 -0.61 0.71 -12.20
C ALA B 96 0.43 0.43 -13.28
N PRO B 97 0.21 0.91 -14.50
CA PRO B 97 1.27 0.83 -15.51
C PRO B 97 2.45 1.67 -15.07
N PRO B 98 3.66 1.28 -15.44
CA PRO B 98 4.87 1.93 -14.90
C PRO B 98 5.04 3.36 -15.34
N GLN B 99 4.33 3.81 -16.38
CA GLN B 99 4.42 5.19 -16.83
C GLN B 99 3.54 6.15 -16.04
N HIS B 100 2.58 5.66 -15.27
CA HIS B 100 1.61 6.55 -14.62
C HIS B 100 2.19 7.21 -13.36
N LEU B 101 2.08 8.54 -13.33
CA LEU B 101 2.54 9.32 -12.19
C LEU B 101 1.67 9.07 -10.96
N ILE B 102 0.34 9.06 -11.14
CA ILE B 102 -0.59 8.97 -10.01
C ILE B 102 -1.11 7.56 -9.89
N ARG B 103 -1.01 6.98 -8.68
CA ARG B 103 -1.61 5.71 -8.34
C ARG B 103 -2.62 5.92 -7.23
N VAL B 104 -3.59 4.99 -7.16
CA VAL B 104 -4.43 4.83 -5.97
C VAL B 104 -3.87 3.71 -5.12
N GLU B 105 -3.73 3.96 -3.82
CA GLU B 105 -3.27 2.95 -2.88
C GLU B 105 -4.46 2.21 -2.27
N GLY B 106 -4.32 0.90 -2.09
CA GLY B 106 -5.26 0.13 -1.31
C GLY B 106 -6.66 0.02 -1.88
N ASN B 107 -6.82 0.00 -3.20
CA ASN B 107 -8.13 -0.17 -3.81
C ASN B 107 -7.98 -1.14 -4.98
N LEU B 108 -8.48 -2.36 -4.81
CA LEU B 108 -8.36 -3.35 -5.89
C LEU B 108 -9.26 -3.05 -7.08
N ARG B 109 -10.19 -2.10 -6.98
CA ARG B 109 -11.03 -1.72 -8.10
C ARG B 109 -10.48 -0.52 -8.86
N ALA B 110 -9.27 -0.06 -8.54
CA ALA B 110 -8.66 1.01 -9.30
C ALA B 110 -8.43 0.57 -10.74
N GLU B 111 -8.77 1.45 -11.67
CA GLU B 111 -8.55 1.20 -13.08
C GLU B 111 -7.67 2.30 -13.63
N TYR B 112 -6.73 1.94 -14.51
CA TYR B 112 -5.80 2.90 -15.06
C TYR B 112 -6.06 3.05 -16.55
N LEU B 113 -6.24 4.29 -17.00
CA LEU B 113 -6.57 4.56 -18.39
C LEU B 113 -5.39 5.22 -19.09
N ASP B 114 -5.01 4.71 -20.27
CA ASP B 114 -4.20 5.42 -21.25
C ASP B 114 -5.16 5.79 -22.37
N ASP B 115 -5.52 7.08 -22.44
CA ASP B 115 -6.62 7.50 -23.30
C ASP B 115 -6.21 7.32 -24.75
N ARG B 116 -7.07 6.64 -25.53
CA ARG B 116 -6.72 6.24 -26.88
C ARG B 116 -6.56 7.44 -27.81
N ASN B 117 -7.20 8.55 -27.49
CA ASN B 117 -7.10 9.74 -28.33
C ASN B 117 -6.09 10.75 -27.80
N THR B 118 -6.07 11.03 -26.50
CA THR B 118 -5.22 12.09 -25.98
C THR B 118 -3.91 11.58 -25.39
N PHE B 119 -3.80 10.28 -25.16
CA PHE B 119 -2.67 9.61 -24.54
C PHE B 119 -2.46 10.02 -23.09
N ARG B 120 -3.39 10.77 -22.51
CA ARG B 120 -3.27 11.13 -21.10
C ARG B 120 -3.58 9.94 -20.22
N HIS B 121 -2.93 9.94 -19.05
CA HIS B 121 -3.07 8.92 -18.03
C HIS B 121 -4.06 9.36 -16.98
N SER B 122 -4.82 8.41 -16.44
CA SER B 122 -5.63 8.70 -15.28
C SER B 122 -5.91 7.41 -14.52
N VAL B 123 -6.33 7.56 -13.28
CA VAL B 123 -6.69 6.43 -12.45
C VAL B 123 -8.07 6.71 -11.85
N VAL B 124 -8.96 5.72 -11.90
CA VAL B 124 -10.36 5.93 -11.53
C VAL B 124 -10.80 4.80 -10.61
N VAL B 125 -11.59 5.15 -9.58
CA VAL B 125 -12.12 4.17 -8.65
C VAL B 125 -13.62 4.40 -8.49
N PRO B 126 -14.37 3.40 -8.06
CA PRO B 126 -15.79 3.66 -7.71
C PRO B 126 -15.87 4.65 -6.56
N CYS B 127 -16.82 5.58 -6.63
CA CYS B 127 -17.03 6.50 -5.52
C CYS B 127 -17.92 5.81 -4.51
N GLU B 128 -17.51 5.81 -3.25
CA GLU B 128 -18.21 5.15 -2.17
C GLU B 128 -18.69 6.18 -1.15
N PRO B 129 -19.79 5.90 -0.46
CA PRO B 129 -20.21 6.74 0.68
C PRO B 129 -19.19 6.65 1.81
N PRO B 130 -19.18 7.61 2.73
CA PRO B 130 -18.31 7.52 3.90
C PRO B 130 -18.64 6.28 4.74
N GLU B 131 -17.64 5.81 5.48
CA GLU B 131 -17.87 4.82 6.51
C GLU B 131 -18.74 5.39 7.63
N VAL B 132 -19.30 4.49 8.43
CA VAL B 132 -20.17 4.89 9.53
C VAL B 132 -19.37 5.59 10.64
N SER B 134 -18.44 8.63 9.68
CA SER B 134 -17.65 9.67 9.01
C SER B 134 -18.52 10.53 8.11
N ASP B 135 -18.11 11.78 7.91
CA ASP B 135 -18.77 12.68 6.97
C ASP B 135 -18.01 12.82 5.65
N CYS B 136 -16.90 12.11 5.46
CA CYS B 136 -16.07 12.26 4.28
C CYS B 136 -15.67 10.92 3.71
N THR B 137 -15.55 10.85 2.40
CA THR B 137 -14.95 9.72 1.73
C THR B 137 -13.48 10.05 1.51
N THR B 138 -12.60 9.11 1.82
CA THR B 138 -11.16 9.33 1.66
C THR B 138 -10.63 8.45 0.53
N ILE B 139 -9.79 9.03 -0.34
N ILE B 139 -9.77 9.02 -0.29
CA ILE B 139 -9.02 8.29 -1.34
CA ILE B 139 -9.04 8.25 -1.28
C ILE B 139 -7.54 8.54 -1.08
C ILE B 139 -7.55 8.53 -1.03
N HIS B 140 -6.73 7.49 -1.15
CA HIS B 140 -5.29 7.60 -0.93
C HIS B 140 -4.56 7.58 -2.26
N TYR B 141 -3.86 8.67 -2.59
CA TYR B 141 -3.08 8.72 -3.82
C TYR B 141 -1.60 8.57 -3.52
N ASN B 142 -0.85 8.12 -4.53
CA ASN B 142 0.62 8.12 -4.50
C ASN B 142 1.12 8.82 -5.75
N TYR B 143 2.18 9.60 -5.61
CA TYR B 143 2.83 10.27 -6.72
C TYR B 143 4.21 9.66 -6.89
N MET B 144 4.51 9.20 -8.11
CA MET B 144 5.57 8.22 -8.34
C MET B 144 6.80 8.81 -9.01
N CYS B 145 6.87 10.14 -9.10
CA CYS B 145 8.03 10.88 -9.57
C CYS B 145 8.19 12.15 -8.78
N TYR B 146 9.43 12.64 -8.65
CA TYR B 146 9.65 13.97 -8.09
C TYR B 146 9.30 15.03 -9.12
N SER B 147 8.87 16.20 -8.62
CA SER B 147 8.66 17.35 -9.50
C SER B 147 9.93 17.71 -10.26
N SER B 148 11.09 17.46 -9.66
CA SER B 148 12.36 17.81 -10.28
C SER B 148 12.88 16.80 -11.29
N CYS B 149 12.20 15.66 -11.52
CA CYS B 149 12.78 14.58 -12.35
C CYS B 149 13.02 15.03 -13.80
N MET B 150 14.27 14.96 -14.24
CA MET B 150 14.59 15.39 -15.59
C MET B 150 14.08 14.36 -16.59
N GLY B 151 13.61 14.84 -17.73
CA GLY B 151 12.91 13.96 -18.66
C GLY B 151 11.49 13.65 -18.27
N GLY B 152 11.06 14.07 -17.09
CA GLY B 152 9.70 13.96 -16.64
C GLY B 152 9.15 15.36 -16.39
N MET B 153 8.68 15.61 -15.16
CA MET B 153 8.10 16.91 -14.83
C MET B 153 9.13 18.03 -14.92
N ASN B 154 10.41 17.73 -14.65
CA ASN B 154 11.52 18.65 -14.93
C ASN B 154 11.31 20.03 -14.27
N ARG B 155 10.87 20.00 -13.01
CA ARG B 155 10.63 21.15 -12.12
C ARG B 155 9.40 21.97 -12.54
N ARG B 156 8.59 21.47 -13.46
CA ARG B 156 7.39 22.19 -13.86
C ARG B 156 6.25 21.85 -12.92
N PRO B 157 5.50 22.84 -12.43
CA PRO B 157 4.37 22.55 -11.54
C PRO B 157 3.28 21.79 -12.27
N ILE B 158 2.59 20.95 -11.51
CA ILE B 158 1.46 20.23 -12.05
C ILE B 158 0.24 20.50 -11.19
N LEU B 159 -0.92 20.31 -11.79
CA LEU B 159 -2.19 20.23 -11.07
C LEU B 159 -2.68 18.78 -11.11
N THR B 160 -3.25 18.33 -10.02
CA THR B 160 -4.12 17.15 -10.06
C THR B 160 -5.56 17.59 -10.21
N ILE B 161 -6.26 17.03 -11.19
CA ILE B 161 -7.67 17.29 -11.45
C ILE B 161 -8.44 16.07 -11.01
N ILE B 162 -9.39 16.27 -10.09
CA ILE B 162 -10.23 15.21 -9.55
C ILE B 162 -11.61 15.41 -10.13
N THR B 163 -12.14 14.41 -10.83
N THR B 163 -12.14 14.38 -10.76
CA THR B 163 -13.44 14.54 -11.44
CA THR B 163 -13.42 14.50 -11.45
C THR B 163 -14.36 13.47 -10.91
C THR B 163 -14.37 13.45 -10.93
N LEU B 164 -15.59 13.88 -10.58
CA LEU B 164 -16.66 12.96 -10.25
C LEU B 164 -17.38 12.67 -11.55
N GLU B 165 -17.64 11.37 -11.86
CA GLU B 165 -18.11 10.96 -13.18
C GLU B 165 -19.23 9.96 -13.02
N ASP B 166 -20.13 9.92 -14.01
CA ASP B 166 -21.13 8.86 -13.98
C ASP B 166 -20.51 7.59 -14.55
N SER B 167 -21.31 6.54 -14.69
CA SER B 167 -20.76 5.26 -15.11
C SER B 167 -20.31 5.28 -16.57
N SER B 168 -20.76 6.27 -17.35
CA SER B 168 -20.30 6.46 -18.72
C SER B 168 -19.08 7.32 -18.83
N GLY B 169 -18.65 7.94 -17.73
CA GLY B 169 -17.55 8.88 -17.80
C GLY B 169 -17.94 10.33 -18.00
N ASN B 170 -19.25 10.64 -17.99
CA ASN B 170 -19.69 12.02 -18.14
C ASN B 170 -19.41 12.79 -16.85
N LEU B 171 -19.09 14.07 -17.01
CA LEU B 171 -18.69 14.89 -15.89
C LEU B 171 -19.85 15.15 -14.93
N LEU B 172 -19.63 14.92 -13.64
CA LEU B 172 -20.58 15.35 -12.61
C LEU B 172 -20.03 16.43 -11.69
N GLY B 173 -18.71 16.50 -11.53
CA GLY B 173 -18.11 17.46 -10.62
C GLY B 173 -16.61 17.50 -10.86
N ARG B 174 -15.99 18.62 -10.48
CA ARG B 174 -14.55 18.74 -10.68
C ARG B 174 -13.95 19.66 -9.62
N ASP B 175 -12.77 19.27 -9.13
CA ASP B 175 -12.00 20.16 -8.26
C ASP B 175 -10.54 19.83 -8.54
N SER B 176 -9.63 20.61 -7.96
CA SER B 176 -8.24 20.43 -8.35
C SER B 176 -7.32 21.05 -7.30
N PHE B 177 -6.05 20.66 -7.36
CA PHE B 177 -5.03 21.23 -6.49
C PHE B 177 -3.68 21.07 -7.15
N GLU B 178 -2.76 21.98 -6.82
CA GLU B 178 -1.39 21.90 -7.28
C GLU B 178 -0.64 20.87 -6.43
N VAL B 179 0.38 20.24 -7.03
CA VAL B 179 1.18 19.25 -6.31
C VAL B 179 2.65 19.57 -6.54
N ARG B 180 3.44 19.47 -5.48
CA ARG B 180 4.89 19.41 -5.57
C ARG B 180 5.32 18.11 -4.91
N VAL B 181 6.02 17.24 -5.64
CA VAL B 181 6.57 16.03 -5.06
C VAL B 181 8.04 16.30 -4.78
N CYS B 182 8.44 16.18 -3.51
CA CYS B 182 9.75 16.64 -3.09
C CYS B 182 10.22 15.86 -1.86
N ALA B 183 11.52 15.94 -1.57
CA ALA B 183 12.08 15.21 -0.44
C ALA B 183 11.70 15.83 0.90
N CYS B 184 11.48 17.15 0.97
CA CYS B 184 11.20 17.84 2.23
C CYS B 184 9.92 18.65 2.11
N PRO B 185 8.76 17.97 2.09
CA PRO B 185 7.48 18.68 1.88
C PRO B 185 7.17 19.75 2.91
N GLY B 186 7.49 19.50 4.19
CA GLY B 186 7.22 20.49 5.22
C GLY B 186 8.03 21.77 5.05
N ARG B 187 9.33 21.63 4.75
CA ARG B 187 10.19 22.80 4.54
C ARG B 187 9.80 23.55 3.28
N ASP B 188 9.45 22.83 2.22
CA ASP B 188 9.07 23.48 0.97
C ASP B 188 7.76 24.24 1.13
N ARG B 189 6.78 23.67 1.85
CA ARG B 189 5.54 24.40 2.12
C ARG B 189 5.81 25.67 2.93
N ARG B 190 6.67 25.57 3.94
CA ARG B 190 7.01 26.76 4.75
C ARG B 190 7.68 27.83 3.91
N THR B 191 8.58 27.42 3.00
CA THR B 191 9.28 28.36 2.13
C THR B 191 8.34 29.03 1.14
N GLU B 192 7.43 28.25 0.52
CA GLU B 192 6.54 28.83 -0.48
C GLU B 192 5.47 29.72 0.13
N GLU B 193 5.00 29.40 1.34
CA GLU B 193 4.03 30.28 2.00
C GLU B 193 4.67 31.59 2.43
N GLU B 194 5.95 31.55 2.83
CA GLU B 194 6.65 32.78 3.18
C GLU B 194 6.83 33.70 1.99
N ASN B 195 7.18 33.13 0.82
CA ASN B 195 7.30 33.92 -0.40
C ASN B 195 5.96 34.52 -0.84
N LEU B 196 4.86 33.78 -0.65
CA LEU B 196 3.54 34.32 -0.96
C LEU B 196 3.20 35.52 -0.07
N ARG B 197 3.60 35.46 1.21
CA ARG B 197 3.41 36.60 2.10
C ARG B 197 4.29 37.79 1.69
N LYS B 198 5.58 37.53 1.47
CA LYS B 198 6.53 38.57 1.06
C LYS B 198 6.24 39.05 -0.36
C1 YLW C . 6.53 -12.84 19.98
C2 YLW C . 5.80 -13.40 21.05
C3 YLW C . 6.26 -14.57 21.63
C4 YLW C . 7.42 -15.12 21.15
C5 YLW C . 8.08 -14.53 20.11
C6 YLW C . 4.58 -12.77 21.48
F1 YLW C . 7.93 -16.26 21.68
F2 YLW C . 6.15 -11.70 19.37
N1 YLW C . 7.66 -13.40 19.53
N2 YLW C . 3.58 -12.31 21.79
C1 YLW D . -12.11 -20.18 13.58
C2 YLW D . -12.05 -19.20 14.57
C3 YLW D . -10.98 -18.30 14.54
C4 YLW D . -10.05 -18.44 13.56
C5 YLW D . -10.17 -19.43 12.63
C6 YLW D . -13.11 -19.10 15.54
F1 YLW D . -8.99 -17.58 13.49
F2 YLW D . -13.13 -21.05 13.56
N1 YLW D . -11.18 -20.30 12.62
N2 YLW D . -13.93 -19.06 16.35
C1 YLW E . -6.19 -12.04 19.28
C2 YLW E . -6.73 -10.83 19.78
C3 YLW E . -7.30 -10.82 21.04
C4 YLW E . -7.29 -12.00 21.74
C5 YLW E . -6.75 -13.14 21.21
C6 YLW E . -6.68 -9.67 18.91
F1 YLW E . -7.82 -12.06 22.97
F2 YLW E . -5.67 -12.09 18.05
N1 YLW E . -6.20 -13.16 19.99
N2 YLW E . -6.69 -8.76 18.22
C1 YLW F . 21.81 -11.75 21.57
C2 YLW F . 22.82 -12.69 21.77
C3 YLW F . 23.76 -12.88 20.75
C4 YLW F . 23.66 -12.11 19.62
C5 YLW F . 22.63 -11.19 19.49
C6 YLW F . 22.85 -13.45 23.00
F1 YLW F . 24.56 -12.27 18.61
F2 YLW F . 20.88 -11.54 22.52
N1 YLW F . 21.73 -11.00 20.46
C1 YLW G . 22.08 -27.21 8.30
C2 YLW G . 23.04 -26.41 8.94
C3 YLW G . 23.23 -25.10 8.48
C4 YLW G . 22.47 -24.68 7.42
C5 YLW G . 21.55 -25.52 6.82
C6 YLW G . 23.77 -26.95 10.06
F1 YLW G . 22.63 -23.41 6.94
F2 YLW G . 21.87 -28.47 8.71
N1 YLW G . 21.36 -26.77 7.25
N2 YLW G . 24.40 -27.41 10.91
C1 GOL H . -21.04 -17.93 9.54
O1 GOL H . -21.18 -17.68 8.18
C2 GOL H . -20.50 -19.37 9.71
O2 GOL H . -19.70 -19.55 10.82
C3 GOL H . -21.73 -20.30 9.73
O3 GOL H . -21.23 -21.59 9.94
C1 EDO I . 15.57 -4.90 7.26
O1 EDO I . 15.12 -5.00 8.62
C2 EDO I . 16.29 -6.16 6.84
O2 EDO I . 17.68 -5.86 6.59
N1 EPE J . 24.48 -14.51 10.98
C9 EPE J . 23.16 -13.87 11.04
C10 EPE J . 23.18 -12.58 10.24
S EPE J . 22.42 -11.21 11.16
O1S EPE J . 21.98 -10.16 10.24
O2S EPE J . 21.28 -11.75 11.90
O3S EPE J . 23.37 -10.65 12.11
C9 EPE K . -12.17 -6.70 -0.62
C10 EPE K . -11.49 -5.38 -0.31
S EPE K . -9.69 -5.52 -0.15
O1S EPE K . -9.34 -5.62 1.27
O2S EPE K . -9.22 -6.71 -0.86
O3S EPE K . -9.05 -4.33 -0.71
C1 EDO L . -14.38 -15.65 19.55
O1 EDO L . -14.73 -14.27 19.40
C2 EDO L . -14.86 -16.42 18.31
O2 EDO L . -16.29 -16.30 18.20
C1 EDO M . 12.11 -23.67 18.06
O1 EDO M . 12.02 -22.29 18.46
C2 EDO M . 11.76 -23.89 16.60
O2 EDO M . 10.83 -24.97 16.50
C1 EDO N . -7.99 -22.91 -2.36
O1 EDO N . -7.51 -22.42 -1.11
C2 EDO N . -8.46 -24.36 -2.19
O2 EDO N . -9.44 -24.65 -3.19
ZN ZN O . 19.38 -17.96 3.76
C1 EDO P . 11.90 3.43 -5.62
O1 EDO P . 12.25 4.81 -5.69
C2 EDO P . 10.70 3.18 -6.51
O2 EDO P . 9.59 4.00 -6.10
C1 YLW Q . 14.66 1.65 -7.81
C2 YLW Q . 15.38 2.68 -7.19
C3 YLW Q . 15.23 3.98 -7.66
C4 YLW Q . 14.37 4.17 -8.72
C5 YLW Q . 13.68 3.13 -9.28
F1 YLW Q . 14.19 5.42 -9.21
F2 YLW Q . 14.79 0.39 -7.39
N1 YLW Q . 13.81 1.86 -8.83
C1 YLW R . -20.40 8.62 -2.87
C2 YLW R . -20.41 9.66 -1.93
C3 YLW R . -19.35 10.56 -1.93
C4 YLW R . -18.36 10.39 -2.87
C5 YLW R . -18.44 9.35 -3.76
C6 YLW R . -21.49 9.75 -0.96
F1 YLW R . -17.31 11.23 -2.93
F2 YLW R . -21.40 7.73 -2.92
N1 YLW R . -19.44 8.48 -3.77
N2 YLW R . -22.34 9.82 -0.20
C1 YLW S . -14.65 16.91 2.75
C2 YLW S . -15.14 18.12 3.26
C3 YLW S . -15.68 18.13 4.54
C4 YLW S . -15.68 16.96 5.24
C5 YLW S . -15.17 15.81 4.69
C6 YLW S . -15.08 19.27 2.41
F1 YLW S . -16.18 16.90 6.50
F2 YLW S . -14.15 16.85 1.51
N1 YLW S . -14.65 15.78 3.46
N2 YLW S . -15.09 20.17 1.68
C1 YLW T . 13.43 16.88 6.03
C2 YLW T . 14.31 15.84 6.36
C3 YLW T . 15.19 15.37 5.37
C4 YLW T . 15.12 15.96 4.13
C5 YLW T . 14.24 16.97 3.87
C6 YLW T . 14.28 15.32 7.70
F1 YLW T . 15.96 15.53 3.12
F2 YLW T . 12.58 17.37 6.95
N1 YLW T . 13.39 17.44 4.81
C1 EDO U . -23.44 5.09 -3.59
O1 EDO U . -24.56 5.86 -4.03
C2 EDO U . -22.39 5.12 -4.69
O2 EDO U . -21.54 3.99 -4.54
N1 EPE V . -25.30 13.89 1.98
C2 EPE V . -24.88 14.71 3.14
C3 EPE V . -23.36 14.83 3.28
N4 EPE V . -22.65 13.55 3.16
C5 EPE V . -23.29 12.45 2.47
C6 EPE V . -24.29 12.93 1.43
C7 EPE V . -21.65 13.23 4.17
C9 EPE V . -26.62 13.28 2.23
C10 EPE V . -27.05 12.53 0.97
S EPE V . -28.75 12.48 0.40
O1S EPE V . -28.74 12.74 -1.03
O2S EPE V . -29.31 11.15 0.65
O3S EPE V . -29.57 13.49 1.08
N1 EPE W . 15.66 14.51 -6.21
C9 EPE W . 15.51 14.37 -4.75
C10 EPE W . 14.16 14.95 -4.31
S EPE W . 14.09 16.77 -4.35
O1S EPE W . 14.08 17.22 -5.74
O2S EPE W . 12.90 17.25 -3.66
O3S EPE W . 15.27 17.31 -3.66
C1 EDO X . -10.55 6.68 -24.39
O1 EDO X . -9.44 5.76 -24.35
C2 EDO X . -11.24 6.75 -23.03
O2 EDO X . -11.93 5.52 -22.73
ZN ZN Y . 11.16 10.39 -11.89
#